data_8X23
#
_entry.id   8X23
#
_cell.length_a   61.402
_cell.length_b   69.113
_cell.length_c   92.830
_cell.angle_alpha   90.000
_cell.angle_beta   90.000
_cell.angle_gamma   90.000
#
_symmetry.space_group_name_H-M   'P 21 21 21'
#
loop_
_entity.id
_entity.type
_entity.pdbx_description
1 polymer 'Mitogen-activated protein kinase 13'
2 non-polymer GLYCEROL
3 non-polymer 1,2-ETHANEDIOL
4 water water
#
_entity_poly.entity_id   1
_entity_poly.type   'polypeptide(L)'
_entity_poly.pdbx_seq_one_letter_code
;MSLIRKKGFYKQDVNKTAWELPKTYVSPTHVGSGAYGSVCSAIDKRSGEKVAIKKLSRPFQSEIFAKRAYRELLLLKHMQ
HENVIGLLDVFTPASSLRNFYDFYLVMPFMQTDLQKIMGMEFSEEKIQYLVYQMLKGLKYIHSAGVVHRDLKPGNLAVNE
DCELKILDFGLARHADAEMTGYVVTRWYRAPEVILSWMHYNQTVDIWSVGCIMAEMLTGKTLFKGKDYLDQLTQILKVTG
VPGTEFVQKLNDKAAKSYIQSLPQTPRKDFTQLFPRASPQAADLLEKMLELDVDKRLTAAQALTHPFFEPFRDPEEETEA
QQPFDDSLEHEKLTVDEWKQHIYKEIVNFSPI
;
_entity_poly.pdbx_strand_id   A
#
# COMPACT_ATOMS: atom_id res chain seq x y z
N MET A 1 -6.60 29.06 -25.54
CA MET A 1 -7.87 29.82 -25.66
C MET A 1 -8.89 29.29 -24.64
N SER A 2 -10.00 30.02 -24.46
CA SER A 2 -11.03 29.61 -23.54
C SER A 2 -11.93 28.56 -24.19
N LEU A 3 -12.14 27.48 -23.46
CA LEU A 3 -12.91 26.34 -23.92
C LEU A 3 -13.71 25.90 -22.70
N ILE A 4 -14.67 25.02 -22.95
CA ILE A 4 -15.29 24.32 -21.85
C ILE A 4 -14.34 23.22 -21.38
N ARG A 5 -13.77 22.49 -22.34
CA ARG A 5 -12.83 21.42 -22.07
C ARG A 5 -11.89 21.28 -23.26
N LYS A 6 -10.75 20.61 -23.01
CA LYS A 6 -9.73 20.38 -24.02
C LYS A 6 -10.36 19.71 -25.23
N LYS A 7 -9.81 20.02 -26.40
CA LYS A 7 -10.22 19.38 -27.64
C LYS A 7 -10.13 17.86 -27.46
N GLY A 8 -11.11 17.15 -28.04
CA GLY A 8 -11.10 15.70 -28.07
C GLY A 8 -11.52 15.05 -26.75
N PHE A 9 -12.15 15.83 -25.87
CA PHE A 9 -12.72 15.27 -24.66
C PHE A 9 -14.24 15.16 -24.81
N TYR A 10 -14.84 14.15 -24.17
CA TYR A 10 -16.28 13.98 -24.18
C TYR A 10 -16.78 13.91 -22.74
N LYS A 11 -18.04 14.22 -22.54
CA LYS A 11 -18.71 14.12 -21.25
C LYS A 11 -19.48 12.81 -21.21
N GLN A 12 -19.40 12.09 -20.09
CA GLN A 12 -20.24 10.93 -19.90
C GLN A 12 -20.48 10.72 -18.41
N ASP A 13 -21.69 10.29 -18.06
CA ASP A 13 -21.99 9.92 -16.69
C ASP A 13 -21.46 8.52 -16.42
N VAL A 14 -20.79 8.36 -15.28
CA VAL A 14 -20.33 7.08 -14.78
C VAL A 14 -20.76 7.02 -13.31
N ASN A 15 -21.56 6.01 -12.97
CA ASN A 15 -22.05 5.85 -11.61
C ASN A 15 -22.76 7.11 -11.11
N LYS A 16 -23.52 7.75 -11.99
CA LYS A 16 -24.36 8.91 -11.66
C LYS A 16 -23.50 10.13 -11.29
N THR A 17 -22.27 10.19 -11.83
CA THR A 17 -21.39 11.32 -11.67
C THR A 17 -20.80 11.63 -13.05
N ALA A 18 -20.49 12.89 -13.29
CA ALA A 18 -20.08 13.37 -14.60
C ALA A 18 -18.57 13.18 -14.74
N TRP A 19 -18.15 12.48 -15.80
CA TRP A 19 -16.75 12.31 -16.13
C TRP A 19 -16.46 13.04 -17.43
N GLU A 20 -15.21 13.48 -17.59
CA GLU A 20 -14.77 14.06 -18.85
C GLU A 20 -13.54 13.28 -19.28
N LEU A 21 -13.62 12.61 -20.44
CA LEU A 21 -12.54 11.72 -20.87
C LEU A 21 -12.02 12.08 -22.24
N PRO A 22 -10.72 11.81 -22.50
CA PRO A 22 -10.19 11.91 -23.86
C PRO A 22 -10.90 10.88 -24.73
N LYS A 23 -11.07 11.16 -26.01
CA LYS A 23 -11.81 10.27 -26.89
C LYS A 23 -11.10 8.92 -27.05
N THR A 24 -9.81 8.84 -26.70
CA THR A 24 -9.08 7.57 -26.83
C THR A 24 -9.58 6.53 -25.82
N TYR A 25 -10.21 6.98 -24.73
CA TYR A 25 -10.65 6.06 -23.69
C TYR A 25 -12.15 5.90 -23.78
N VAL A 26 -12.64 4.68 -24.06
CA VAL A 26 -14.03 4.45 -24.40
C VAL A 26 -14.62 3.40 -23.47
N SER A 27 -15.95 3.25 -23.51
CA SER A 27 -16.71 2.28 -22.73
C SER A 27 -16.39 2.37 -21.25
N PRO A 28 -16.42 3.59 -20.65
CA PRO A 28 -16.14 3.73 -19.22
C PRO A 28 -17.17 2.96 -18.40
N THR A 29 -16.68 2.18 -17.45
CA THR A 29 -17.54 1.32 -16.65
C THR A 29 -17.20 1.48 -15.18
N HIS A 30 -18.19 1.74 -14.34
CA HIS A 30 -17.95 1.96 -12.92
C HIS A 30 -17.27 0.75 -12.27
N VAL A 31 -16.25 1.02 -11.47
CA VAL A 31 -15.58 0.01 -10.67
C VAL A 31 -15.84 0.29 -9.19
N GLY A 32 -15.57 1.53 -8.76
CA GLY A 32 -15.69 1.78 -7.32
C GLY A 32 -15.63 3.27 -6.99
N SER A 33 -16.13 3.59 -5.79
CA SER A 33 -16.14 4.94 -5.26
C SER A 33 -15.34 4.92 -3.95
N GLY A 34 -14.45 5.88 -3.76
CA GLY A 34 -13.60 5.89 -2.59
C GLY A 34 -13.47 7.24 -1.91
N ALA A 35 -12.44 7.38 -1.08
CA ALA A 35 -12.30 8.54 -0.19
C ALA A 35 -11.83 9.78 -0.94
N TYR A 36 -11.03 9.58 -2.01
CA TYR A 36 -10.39 10.69 -2.69
C TYR A 36 -10.79 10.82 -4.16
N GLY A 37 -11.56 9.86 -4.62
CA GLY A 37 -11.92 9.80 -6.03
C GLY A 37 -12.73 8.55 -6.30
N SER A 38 -12.89 8.24 -7.59
CA SER A 38 -13.68 7.13 -8.04
C SER A 38 -12.98 6.51 -9.24
N VAL A 39 -13.27 5.23 -9.47
CA VAL A 39 -12.52 4.49 -10.48
C VAL A 39 -13.49 3.89 -11.47
N CYS A 40 -13.11 3.92 -12.75
CA CYS A 40 -13.79 3.18 -13.78
C CYS A 40 -12.80 2.35 -14.57
N SER A 41 -13.33 1.39 -15.31
CA SER A 41 -12.53 0.73 -16.31
C SER A 41 -12.83 1.39 -17.65
N ALA A 42 -11.92 1.32 -18.60
CA ALA A 42 -12.16 1.85 -19.93
C ALA A 42 -11.29 1.07 -20.90
N ILE A 43 -11.58 1.19 -22.20
CA ILE A 43 -10.73 0.61 -23.24
C ILE A 43 -9.94 1.73 -23.91
N ASP A 44 -8.62 1.57 -24.01
CA ASP A 44 -7.80 2.46 -24.83
C ASP A 44 -7.99 2.01 -26.27
N LYS A 45 -8.69 2.82 -27.07
CA LYS A 45 -9.05 2.36 -28.41
C LYS A 45 -7.82 2.25 -29.32
N ARG A 46 -6.66 2.79 -28.89
CA ARG A 46 -5.43 2.68 -29.66
C ARG A 46 -4.84 1.27 -29.61
N SER A 47 -5.15 0.53 -28.54
CA SER A 47 -4.55 -0.77 -28.35
C SER A 47 -5.60 -1.85 -28.06
N GLY A 48 -6.82 -1.45 -27.71
CA GLY A 48 -7.85 -2.39 -27.30
C GLY A 48 -7.69 -2.85 -25.86
N GLU A 49 -6.69 -2.30 -25.14
CA GLU A 49 -6.37 -2.74 -23.78
C GLU A 49 -7.32 -2.07 -22.78
N LYS A 50 -7.72 -2.84 -21.78
CA LYS A 50 -8.54 -2.34 -20.68
C LYS A 50 -7.62 -1.70 -19.66
N VAL A 51 -8.03 -0.50 -19.19
CA VAL A 51 -7.27 0.25 -18.22
C VAL A 51 -8.19 0.67 -17.07
N ALA A 52 -7.59 1.10 -15.96
CA ALA A 52 -8.33 1.73 -14.88
C ALA A 52 -8.11 3.23 -14.98
N ILE A 53 -9.18 4.00 -14.71
CA ILE A 53 -9.05 5.45 -14.66
C ILE A 53 -9.63 5.89 -13.32
N LYS A 54 -8.83 6.64 -12.57
CA LYS A 54 -9.30 7.21 -11.32
C LYS A 54 -9.49 8.70 -11.52
N LYS A 55 -10.71 9.16 -11.27
CA LYS A 55 -11.04 10.58 -11.28
C LYS A 55 -10.88 11.10 -9.86
N LEU A 56 -9.95 12.03 -9.65
CA LEU A 56 -9.80 12.64 -8.34
C LEU A 56 -11.02 13.54 -8.09
N SER A 57 -11.57 13.46 -6.89
CA SER A 57 -12.75 14.24 -6.53
C SER A 57 -12.33 15.42 -5.65
N ARG A 58 -12.58 16.65 -6.13
CA ARG A 58 -12.29 17.87 -5.40
C ARG A 58 -10.94 17.81 -4.69
N PRO A 59 -9.85 17.56 -5.43
CA PRO A 59 -8.53 17.46 -4.80
C PRO A 59 -8.07 18.81 -4.27
N PHE A 60 -8.74 19.91 -4.65
CA PHE A 60 -8.38 21.24 -4.19
C PHE A 60 -9.36 21.76 -3.14
N GLN A 61 -9.98 20.85 -2.39
CA GLN A 61 -10.92 21.25 -1.34
C GLN A 61 -10.21 21.74 -0.07
N SER A 62 -8.94 21.37 0.09
CA SER A 62 -8.18 21.66 1.30
C SER A 62 -6.71 21.45 1.01
N GLU A 63 -5.85 21.97 1.88
CA GLU A 63 -4.41 21.77 1.77
C GLU A 63 -4.09 20.29 1.93
N ILE A 64 -4.77 19.62 2.85
CA ILE A 64 -4.54 18.20 3.10
C ILE A 64 -4.77 17.44 1.79
N PHE A 65 -5.89 17.69 1.14
CA PHE A 65 -6.27 16.94 -0.05
C PHE A 65 -5.38 17.29 -1.23
N ALA A 66 -5.01 18.56 -1.38
CA ALA A 66 -4.23 19.00 -2.53
C ALA A 66 -2.81 18.46 -2.43
N LYS A 67 -2.23 18.51 -1.23
CA LYS A 67 -0.88 18.01 -1.02
C LYS A 67 -0.87 16.51 -1.27
N ARG A 68 -1.91 15.81 -0.80
CA ARG A 68 -1.99 14.37 -1.03
C ARG A 68 -2.02 14.07 -2.52
N ALA A 69 -2.82 14.82 -3.29
CA ALA A 69 -2.99 14.57 -4.71
C ALA A 69 -1.65 14.76 -5.43
N TYR A 70 -0.93 15.80 -5.01
CA TYR A 70 0.36 16.10 -5.62
C TYR A 70 1.36 14.99 -5.32
N ARG A 71 1.49 14.62 -4.04
CA ARG A 71 2.43 13.60 -3.61
C ARG A 71 2.10 12.29 -4.33
N GLU A 72 0.83 11.90 -4.39
CA GLU A 72 0.43 10.68 -5.05
C GLU A 72 0.91 10.68 -6.52
N LEU A 73 0.68 11.77 -7.22
CA LEU A 73 1.06 11.86 -8.62
C LEU A 73 2.57 11.67 -8.74
N LEU A 74 3.34 12.32 -7.85
CA LEU A 74 4.79 12.22 -7.92
C LEU A 74 5.19 10.77 -7.65
N LEU A 75 4.63 10.14 -6.62
CA LEU A 75 4.97 8.78 -6.25
C LEU A 75 4.71 7.80 -7.38
N LEU A 76 3.54 7.87 -8.00
CA LEU A 76 3.13 6.95 -9.05
C LEU A 76 4.04 7.10 -10.27
N LYS A 77 4.44 8.34 -10.57
CA LYS A 77 5.34 8.61 -11.69
CA LYS A 77 5.33 8.61 -11.70
C LYS A 77 6.75 8.12 -11.42
N HIS A 78 7.20 8.22 -10.16
CA HIS A 78 8.59 7.92 -9.84
C HIS A 78 8.90 6.42 -9.92
N MET A 79 7.99 5.61 -9.39
CA MET A 79 8.21 4.19 -9.28
C MET A 79 7.96 3.51 -10.63
N GLN A 80 8.85 2.56 -10.98
CA GLN A 80 8.71 1.77 -12.19
C GLN A 80 8.98 0.32 -11.82
N HIS A 81 7.96 -0.40 -11.35
CA HIS A 81 8.11 -1.78 -10.90
C HIS A 81 6.83 -2.55 -11.18
N GLU A 82 6.97 -3.80 -11.67
CA GLU A 82 5.83 -4.65 -12.02
C GLU A 82 4.83 -4.85 -10.87
N ASN A 83 5.31 -4.81 -9.63
CA ASN A 83 4.45 -5.13 -8.49
C ASN A 83 4.07 -3.86 -7.72
N VAL A 84 4.23 -2.71 -8.36
CA VAL A 84 3.88 -1.41 -7.79
C VAL A 84 3.00 -0.70 -8.80
N ILE A 85 1.78 -0.28 -8.35
CA ILE A 85 0.88 0.35 -9.30
C ILE A 85 1.54 1.61 -9.86
N GLY A 86 1.41 1.78 -11.17
CA GLY A 86 2.03 2.88 -11.85
C GLY A 86 1.08 3.55 -12.80
N LEU A 87 1.60 4.56 -13.49
CA LEU A 87 0.76 5.41 -14.32
C LEU A 87 1.02 5.14 -15.79
N LEU A 88 -0.06 4.90 -16.54
CA LEU A 88 -0.01 4.86 -17.98
C LEU A 88 -0.18 6.27 -18.55
N ASP A 89 -0.94 7.12 -17.83
CA ASP A 89 -1.28 8.43 -18.33
C ASP A 89 -1.89 9.25 -17.18
N VAL A 90 -1.89 10.57 -17.33
CA VAL A 90 -2.52 11.47 -16.41
C VAL A 90 -3.06 12.63 -17.26
N PHE A 91 -4.28 13.10 -16.94
CA PHE A 91 -4.85 14.15 -17.77
C PHE A 91 -5.86 14.96 -16.96
N THR A 92 -6.17 16.15 -17.48
CA THR A 92 -7.27 16.95 -16.98
C THR A 92 -7.99 17.48 -18.19
N PRO A 93 -9.33 17.60 -18.15
CA PRO A 93 -10.07 18.29 -19.20
C PRO A 93 -9.86 19.81 -19.22
N ALA A 94 -9.31 20.35 -18.13
CA ALA A 94 -9.11 21.78 -17.99
C ALA A 94 -8.28 22.36 -19.13
N SER A 95 -8.67 23.56 -19.56
CA SER A 95 -7.98 24.32 -20.60
C SER A 95 -7.08 25.37 -19.98
N SER A 96 -7.23 25.62 -18.67
CA SER A 96 -6.44 26.63 -17.99
C SER A 96 -6.53 26.40 -16.49
N LEU A 97 -5.76 27.17 -15.70
CA LEU A 97 -5.88 27.07 -14.26
C LEU A 97 -7.29 27.45 -13.82
N ARG A 98 -7.94 28.36 -14.56
CA ARG A 98 -9.26 28.83 -14.15
C ARG A 98 -10.25 27.69 -14.03
N ASN A 99 -10.25 26.78 -15.03
CA ASN A 99 -11.21 25.68 -15.01
C ASN A 99 -10.59 24.35 -14.57
N PHE A 100 -9.46 24.42 -13.86
CA PHE A 100 -8.78 23.25 -13.34
C PHE A 100 -9.38 22.86 -11.99
N TYR A 101 -10.23 21.83 -12.01
CA TYR A 101 -10.97 21.41 -10.83
C TYR A 101 -10.61 20.00 -10.38
N ASP A 102 -10.04 19.21 -11.32
CA ASP A 102 -9.77 17.81 -11.01
C ASP A 102 -8.83 17.28 -12.08
N PHE A 103 -8.46 16.00 -11.94
CA PHE A 103 -7.61 15.32 -12.90
C PHE A 103 -7.84 13.83 -12.77
N TYR A 104 -7.24 13.07 -13.68
CA TYR A 104 -7.50 11.65 -13.83
C TYR A 104 -6.18 10.89 -13.98
N LEU A 105 -6.10 9.76 -13.31
CA LEU A 105 -4.93 8.87 -13.38
C LEU A 105 -5.35 7.65 -14.17
N VAL A 106 -4.53 7.26 -15.16
CA VAL A 106 -4.76 6.03 -15.92
C VAL A 106 -3.71 5.01 -15.50
N MET A 107 -4.17 3.81 -15.13
CA MET A 107 -3.34 2.79 -14.52
C MET A 107 -3.71 1.45 -15.12
N PRO A 108 -2.82 0.46 -15.01
CA PRO A 108 -3.21 -0.89 -15.39
C PRO A 108 -4.46 -1.33 -14.65
N PHE A 109 -5.34 -2.07 -15.32
CA PHE A 109 -6.55 -2.60 -14.71
C PHE A 109 -6.25 -3.89 -13.95
N MET A 110 -6.62 -3.92 -12.67
CA MET A 110 -6.51 -5.10 -11.84
C MET A 110 -7.91 -5.48 -11.37
N GLN A 111 -8.31 -6.71 -11.66
CA GLN A 111 -9.67 -7.17 -11.43
C GLN A 111 -10.08 -7.07 -9.97
N THR A 112 -9.21 -7.45 -9.03
CA THR A 112 -9.68 -7.57 -7.64
C THR A 112 -8.53 -7.20 -6.68
N ASP A 113 -8.69 -7.57 -5.41
CA ASP A 113 -7.64 -7.33 -4.43
C ASP A 113 -7.67 -8.46 -3.41
N LEU A 114 -6.63 -8.54 -2.57
CA LEU A 114 -6.50 -9.69 -1.71
C LEU A 114 -7.59 -9.72 -0.64
N GLN A 115 -8.15 -8.57 -0.24
CA GLN A 115 -9.23 -8.59 0.74
CA GLN A 115 -9.22 -8.60 0.74
C GLN A 115 -10.43 -9.38 0.21
N LYS A 116 -10.74 -9.18 -1.08
CA LYS A 116 -11.87 -9.85 -1.69
C LYS A 116 -11.68 -11.36 -1.85
N ILE A 117 -10.43 -11.83 -1.99
CA ILE A 117 -10.19 -13.23 -2.29
C ILE A 117 -9.68 -13.99 -1.08
N MET A 118 -9.53 -13.30 0.06
CA MET A 118 -9.07 -13.89 1.30
CA MET A 118 -9.07 -13.96 1.27
C MET A 118 -10.24 -14.53 2.09
N GLY A 119 -9.89 -15.32 3.10
CA GLY A 119 -10.88 -15.73 4.07
C GLY A 119 -10.90 -17.24 4.25
N MET A 120 -10.38 -17.96 3.26
CA MET A 120 -10.15 -19.37 3.44
C MET A 120 -8.65 -19.63 3.30
N GLU A 121 -8.22 -20.85 3.60
CA GLU A 121 -6.82 -21.22 3.53
C GLU A 121 -6.40 -21.29 2.07
N PHE A 122 -5.27 -20.66 1.72
CA PHE A 122 -4.68 -20.72 0.38
C PHE A 122 -3.69 -21.87 0.33
N SER A 123 -3.36 -22.39 -0.87
CA SER A 123 -2.26 -23.33 -1.02
C SER A 123 -0.96 -22.63 -0.65
N GLU A 124 0.03 -23.36 -0.14
CA GLU A 124 1.32 -22.72 0.13
C GLU A 124 1.92 -22.16 -1.17
N GLU A 125 1.72 -22.83 -2.32
CA GLU A 125 2.25 -22.33 -3.57
C GLU A 125 1.68 -20.94 -3.90
N LYS A 126 0.35 -20.77 -3.71
CA LYS A 126 -0.30 -19.51 -3.98
C LYS A 126 0.24 -18.42 -3.05
N ILE A 127 0.43 -18.77 -1.77
CA ILE A 127 1.01 -17.86 -0.80
C ILE A 127 2.43 -17.47 -1.20
N GLN A 128 3.24 -18.47 -1.59
CA GLN A 128 4.59 -18.19 -2.02
C GLN A 128 4.60 -17.16 -3.15
N TYR A 129 3.75 -17.38 -4.16
CA TYR A 129 3.72 -16.48 -5.30
C TYR A 129 3.29 -15.07 -4.92
N LEU A 130 2.18 -14.97 -4.17
CA LEU A 130 1.66 -13.65 -3.82
C LEU A 130 2.59 -12.90 -2.89
N VAL A 131 3.12 -13.57 -1.86
CA VAL A 131 4.00 -12.92 -0.92
C VAL A 131 5.31 -12.51 -1.60
N TYR A 132 5.81 -13.40 -2.50
CA TYR A 132 6.98 -13.00 -3.23
C TYR A 132 6.83 -11.68 -3.97
N GLN A 133 5.67 -11.52 -4.65
CA GLN A 133 5.41 -10.29 -5.38
C GLN A 133 5.27 -9.08 -4.47
N MET A 134 4.58 -9.25 -3.33
CA MET A 134 4.49 -8.17 -2.36
C MET A 134 5.87 -7.69 -1.93
N LEU A 135 6.76 -8.69 -1.65
CA LEU A 135 8.08 -8.33 -1.16
C LEU A 135 8.94 -7.67 -2.23
N LYS A 136 8.82 -8.12 -3.49
CA LYS A 136 9.51 -7.43 -4.57
C LYS A 136 9.12 -5.96 -4.68
N GLY A 137 7.79 -5.73 -4.59
CA GLY A 137 7.32 -4.34 -4.67
C GLY A 137 7.81 -3.50 -3.50
N LEU A 138 7.81 -4.10 -2.29
CA LEU A 138 8.32 -3.41 -1.12
C LEU A 138 9.82 -3.12 -1.23
N LYS A 139 10.59 -4.17 -1.68
CA LYS A 139 12.01 -3.92 -1.84
C LYS A 139 12.24 -2.69 -2.72
N TYR A 140 11.47 -2.61 -3.82
CA TYR A 140 11.61 -1.51 -4.75
C TYR A 140 11.29 -0.16 -4.10
N ILE A 141 10.08 -0.03 -3.55
CA ILE A 141 9.74 1.28 -2.99
C ILE A 141 10.66 1.64 -1.82
N HIS A 142 11.02 0.65 -0.99
CA HIS A 142 11.93 0.91 0.09
C HIS A 142 13.27 1.43 -0.42
N SER A 143 13.71 0.86 -1.55
CA SER A 143 14.97 1.29 -2.14
C SER A 143 14.96 2.73 -2.65
N ALA A 144 13.74 3.27 -2.88
CA ALA A 144 13.55 4.67 -3.25
C ALA A 144 13.31 5.55 -2.01
N GLY A 145 13.33 4.96 -0.83
CA GLY A 145 13.14 5.72 0.41
C GLY A 145 11.68 5.86 0.81
N VAL A 146 10.82 5.00 0.28
CA VAL A 146 9.37 5.15 0.48
C VAL A 146 8.85 3.90 1.15
N VAL A 147 8.10 4.05 2.24
CA VAL A 147 7.44 2.95 2.89
C VAL A 147 5.95 3.05 2.62
N HIS A 148 5.25 1.94 2.78
CA HIS A 148 3.80 1.96 2.69
C HIS A 148 3.22 2.50 4.00
N ARG A 149 3.42 1.75 5.09
CA ARG A 149 2.98 2.06 6.45
C ARG A 149 1.51 1.71 6.68
N ASP A 150 0.75 1.38 5.64
CA ASP A 150 -0.61 0.92 5.84
C ASP A 150 -0.96 -0.22 4.90
N LEU A 151 0.00 -1.13 4.76
CA LEU A 151 -0.22 -2.26 3.86
C LEU A 151 -1.26 -3.19 4.47
N LYS A 152 -2.17 -3.65 3.61
CA LYS A 152 -3.28 -4.47 4.04
C LYS A 152 -3.82 -5.20 2.81
N PRO A 153 -4.61 -6.26 2.97
CA PRO A 153 -5.15 -6.98 1.83
C PRO A 153 -5.85 -6.09 0.81
N GLY A 154 -6.55 -5.06 1.30
CA GLY A 154 -7.29 -4.19 0.41
C GLY A 154 -6.43 -3.32 -0.49
N ASN A 155 -5.14 -3.10 -0.16
CA ASN A 155 -4.33 -2.32 -1.07
C ASN A 155 -3.31 -3.22 -1.79
N LEU A 156 -3.65 -4.51 -1.89
CA LEU A 156 -2.87 -5.42 -2.73
C LEU A 156 -3.80 -5.86 -3.85
N ALA A 157 -3.66 -5.20 -5.00
CA ALA A 157 -4.42 -5.51 -6.18
C ALA A 157 -3.94 -6.81 -6.81
N VAL A 158 -4.88 -7.62 -7.28
CA VAL A 158 -4.59 -8.91 -7.90
CA VAL A 158 -4.59 -8.91 -7.90
C VAL A 158 -5.46 -9.13 -9.14
N ASN A 159 -4.90 -9.86 -10.11
CA ASN A 159 -5.70 -10.26 -11.26
C ASN A 159 -5.99 -11.76 -11.15
N GLU A 160 -6.67 -12.33 -12.15
CA GLU A 160 -7.11 -13.71 -12.08
C GLU A 160 -5.92 -14.66 -12.13
N ASP A 161 -4.80 -14.20 -12.71
CA ASP A 161 -3.58 -15.00 -12.76
C ASP A 161 -2.71 -14.81 -11.51
N CYS A 162 -3.23 -14.12 -10.47
CA CYS A 162 -2.54 -13.85 -9.21
C CYS A 162 -1.33 -12.92 -9.40
N GLU A 163 -1.28 -12.14 -10.49
CA GLU A 163 -0.35 -11.04 -10.58
C GLU A 163 -0.79 -9.98 -9.57
N LEU A 164 0.17 -9.36 -8.91
CA LEU A 164 -0.11 -8.46 -7.80
C LEU A 164 0.56 -7.13 -8.01
N LYS A 165 -0.11 -6.07 -7.55
CA LYS A 165 0.45 -4.73 -7.51
C LYS A 165 0.08 -4.04 -6.20
N ILE A 166 1.04 -3.36 -5.62
CA ILE A 166 0.81 -2.63 -4.39
C ILE A 166 0.16 -1.28 -4.73
N LEU A 167 -0.93 -0.96 -4.00
CA LEU A 167 -1.61 0.31 -4.15
C LEU A 167 -1.39 1.22 -2.95
N ASP A 168 -1.59 2.54 -3.15
CA ASP A 168 -1.74 3.49 -2.05
CA ASP A 168 -1.74 3.49 -2.05
C ASP A 168 -0.50 3.59 -1.15
N PHE A 169 0.68 3.37 -1.74
CA PHE A 169 1.92 3.48 -1.00
C PHE A 169 2.36 4.93 -0.80
N GLY A 170 3.10 5.16 0.28
CA GLY A 170 3.75 6.44 0.51
C GLY A 170 2.86 7.57 1.01
N LEU A 171 1.61 7.24 1.35
CA LEU A 171 0.62 8.30 1.59
C LEU A 171 0.03 8.24 3.00
N ALA A 172 0.60 7.48 3.93
CA ALA A 172 0.06 7.35 5.29
C ALA A 172 0.12 8.65 6.07
N ARG A 173 -0.90 8.89 6.90
CA ARG A 173 -0.91 10.00 7.83
C ARG A 173 -0.27 9.57 9.16
N THR A 180 -10.46 10.59 20.31
CA THR A 180 -11.84 10.33 19.79
C THR A 180 -12.57 9.27 20.63
N GLY A 181 -11.80 8.43 21.34
CA GLY A 181 -12.31 7.26 22.04
C GLY A 181 -12.57 6.08 21.10
N TYR A 182 -12.44 6.31 19.78
CA TYR A 182 -12.56 5.26 18.78
C TYR A 182 -11.37 5.31 17.83
N VAL A 183 -11.09 4.17 17.20
CA VAL A 183 -9.98 4.06 16.27
C VAL A 183 -10.43 3.15 15.13
N VAL A 184 -9.76 3.32 13.99
CA VAL A 184 -9.95 2.47 12.84
C VAL A 184 -9.31 1.12 13.09
N THR A 185 -9.66 0.10 12.29
CA THR A 185 -8.99 -1.18 12.38
C THR A 185 -7.51 -0.99 11.98
N ARG A 186 -6.62 -1.67 12.73
CA ARG A 186 -5.18 -1.57 12.51
C ARG A 186 -4.55 -2.95 12.62
N TRP A 187 -5.28 -3.94 12.11
CA TRP A 187 -4.95 -5.34 12.30
C TRP A 187 -3.57 -5.66 11.71
N TYR A 188 -3.17 -4.91 10.70
CA TYR A 188 -1.95 -5.23 9.95
C TYR A 188 -0.85 -4.26 10.25
N ARG A 189 -1.05 -3.32 11.15
CA ARG A 189 -0.07 -2.29 11.40
C ARG A 189 0.95 -2.78 12.41
N ALA A 190 2.20 -2.32 12.24
CA ALA A 190 3.26 -2.73 13.12
C ALA A 190 3.06 -2.21 14.53
N PRO A 191 3.43 -3.00 15.56
CA PRO A 191 3.24 -2.55 16.95
C PRO A 191 3.93 -1.22 17.22
N GLU A 192 5.11 -0.98 16.64
CA GLU A 192 5.85 0.23 16.94
C GLU A 192 5.11 1.45 16.42
N VAL A 193 4.29 1.27 15.37
CA VAL A 193 3.45 2.34 14.86
C VAL A 193 2.25 2.56 15.78
N ILE A 194 1.56 1.48 16.16
CA ILE A 194 0.37 1.58 17.00
C ILE A 194 0.73 2.21 18.34
N LEU A 195 1.87 1.82 18.93
CA LEU A 195 2.23 2.19 20.29
C LEU A 195 3.28 3.30 20.36
N SER A 196 3.80 3.68 19.18
CA SER A 196 4.86 4.68 19.05
C SER A 196 5.95 4.49 20.12
N TRP A 197 6.38 3.23 20.30
CA TRP A 197 7.24 2.91 21.44
C TRP A 197 8.70 2.85 21.05
N MET A 198 8.96 2.98 19.75
CA MET A 198 10.29 3.22 19.18
C MET A 198 10.02 3.67 17.75
N HIS A 199 10.98 4.32 17.12
CA HIS A 199 10.81 4.76 15.74
C HIS A 199 10.87 3.56 14.80
N TYR A 200 10.04 3.61 13.76
CA TYR A 200 9.96 2.55 12.79
C TYR A 200 11.07 2.75 11.76
N ASN A 201 11.40 1.65 11.09
CA ASN A 201 12.24 1.71 9.92
C ASN A 201 11.41 1.08 8.80
N GLN A 202 12.04 0.64 7.71
CA GLN A 202 11.26 0.16 6.58
C GLN A 202 10.60 -1.18 6.88
N THR A 203 11.09 -1.91 7.89
CA THR A 203 10.51 -3.20 8.24
C THR A 203 9.09 -3.06 8.81
N VAL A 204 8.64 -1.81 8.97
CA VAL A 204 7.25 -1.57 9.34
C VAL A 204 6.29 -2.35 8.42
N ASP A 205 6.60 -2.37 7.12
CA ASP A 205 5.78 -3.05 6.14
C ASP A 205 5.91 -4.59 6.19
N ILE A 206 7.04 -5.07 6.71
CA ILE A 206 7.26 -6.52 6.78
C ILE A 206 6.41 -7.17 7.87
N TRP A 207 6.15 -6.40 8.94
CA TRP A 207 5.17 -6.87 9.92
C TRP A 207 3.84 -7.14 9.22
N SER A 208 3.42 -6.15 8.43
CA SER A 208 2.16 -6.26 7.70
C SER A 208 2.12 -7.49 6.80
N VAL A 209 3.26 -7.73 6.10
CA VAL A 209 3.31 -8.90 5.25
C VAL A 209 3.13 -10.15 6.10
N GLY A 210 3.78 -10.22 7.25
CA GLY A 210 3.61 -11.34 8.15
C GLY A 210 2.15 -11.60 8.52
N CYS A 211 1.48 -10.49 8.87
CA CYS A 211 0.07 -10.61 9.24
C CYS A 211 -0.79 -11.10 8.08
N ILE A 212 -0.49 -10.63 6.86
CA ILE A 212 -1.22 -11.03 5.67
C ILE A 212 -0.97 -12.50 5.36
N MET A 213 0.30 -12.87 5.41
CA MET A 213 0.67 -14.25 5.13
C MET A 213 0.03 -15.22 6.14
N ALA A 214 0.03 -14.85 7.43
CA ALA A 214 -0.62 -15.67 8.45
C ALA A 214 -2.09 -15.90 8.09
N GLU A 215 -2.78 -14.82 7.68
CA GLU A 215 -4.20 -14.91 7.37
C GLU A 215 -4.46 -15.77 6.14
N MET A 216 -3.52 -15.74 5.17
CA MET A 216 -3.62 -16.61 4.00
C MET A 216 -3.47 -18.08 4.42
N LEU A 217 -2.58 -18.33 5.40
CA LEU A 217 -2.30 -19.69 5.86
C LEU A 217 -3.47 -20.28 6.65
N THR A 218 -4.15 -19.44 7.46
CA THR A 218 -5.12 -19.92 8.42
C THR A 218 -6.56 -19.59 8.03
N GLY A 219 -6.75 -18.56 7.18
CA GLY A 219 -8.08 -18.05 6.88
C GLY A 219 -8.60 -17.05 7.91
N LYS A 220 -7.82 -16.80 8.98
CA LYS A 220 -8.27 -15.95 10.08
C LYS A 220 -7.33 -14.75 10.24
N THR A 221 -7.89 -13.58 10.49
CA THR A 221 -7.08 -12.41 10.82
C THR A 221 -6.26 -12.74 12.06
N LEU A 222 -4.96 -12.45 11.99
CA LEU A 222 -4.09 -12.80 13.09
C LEU A 222 -4.35 -11.96 14.33
N PHE A 223 -4.40 -10.63 14.19
CA PHE A 223 -4.53 -9.71 15.30
C PHE A 223 -5.71 -8.75 15.08
N LYS A 224 -6.57 -8.64 16.09
CA LYS A 224 -7.59 -7.62 16.10
C LYS A 224 -7.43 -6.85 17.40
N GLY A 225 -8.52 -6.40 17.97
CA GLY A 225 -8.47 -5.70 19.25
C GLY A 225 -9.36 -4.47 19.23
N LYS A 226 -9.98 -4.21 20.38
CA LYS A 226 -10.92 -3.11 20.51
C LYS A 226 -10.18 -1.80 20.74
N ASP A 227 -8.94 -1.87 21.25
CA ASP A 227 -8.17 -0.69 21.59
C ASP A 227 -6.70 -1.07 21.57
N TYR A 228 -5.78 -0.10 21.70
CA TYR A 228 -4.37 -0.37 21.46
C TYR A 228 -3.86 -1.43 22.42
N LEU A 229 -4.28 -1.38 23.68
CA LEU A 229 -3.76 -2.31 24.68
C LEU A 229 -4.29 -3.72 24.40
N ASP A 230 -5.54 -3.86 23.97
CA ASP A 230 -6.10 -5.15 23.62
C ASP A 230 -5.34 -5.73 22.43
N GLN A 231 -5.07 -4.89 21.42
CA GLN A 231 -4.31 -5.38 20.28
C GLN A 231 -2.92 -5.84 20.72
N LEU A 232 -2.24 -5.04 21.55
CA LEU A 232 -0.95 -5.43 22.09
C LEU A 232 -1.03 -6.79 22.77
N THR A 233 -2.07 -7.02 23.57
CA THR A 233 -2.24 -8.28 24.29
C THR A 233 -2.29 -9.42 23.25
N GLN A 234 -3.06 -9.23 22.18
CA GLN A 234 -3.20 -10.23 21.15
C GLN A 234 -1.85 -10.49 20.47
N ILE A 235 -1.08 -9.41 20.22
CA ILE A 235 0.22 -9.55 19.58
C ILE A 235 1.14 -10.34 20.49
N LEU A 236 1.16 -10.04 21.77
CA LEU A 236 2.10 -10.69 22.66
C LEU A 236 1.79 -12.18 22.86
N LYS A 237 0.53 -12.57 22.64
CA LYS A 237 0.16 -13.97 22.70
C LYS A 237 0.92 -14.75 21.62
N VAL A 238 1.25 -14.07 20.52
CA VAL A 238 1.98 -14.68 19.42
C VAL A 238 3.49 -14.48 19.60
N THR A 239 3.91 -13.25 19.86
CA THR A 239 5.33 -12.92 19.84
C THR A 239 6.05 -13.35 21.10
N GLY A 240 5.28 -13.56 22.17
CA GLY A 240 5.86 -13.66 23.49
C GLY A 240 6.07 -12.30 24.09
N VAL A 241 6.21 -12.24 25.40
CA VAL A 241 6.58 -10.99 26.05
C VAL A 241 8.07 -10.80 25.87
N PRO A 242 8.51 -9.70 25.22
CA PRO A 242 9.93 -9.53 24.90
C PRO A 242 10.71 -9.24 26.16
N GLY A 243 11.99 -9.61 26.12
CA GLY A 243 12.87 -9.47 27.25
C GLY A 243 13.76 -8.23 27.12
N THR A 244 14.92 -8.35 27.78
CA THR A 244 15.81 -7.25 28.04
C THR A 244 16.33 -6.63 26.75
N GLU A 245 16.72 -7.47 25.76
CA GLU A 245 17.37 -6.88 24.59
C GLU A 245 16.40 -5.91 23.92
N PHE A 246 15.12 -6.27 23.88
CA PHE A 246 14.12 -5.45 23.20
C PHE A 246 13.69 -4.26 24.07
N VAL A 247 13.39 -4.49 25.35
CA VAL A 247 12.77 -3.42 26.14
C VAL A 247 13.76 -2.27 26.32
N GLN A 248 15.07 -2.56 26.27
CA GLN A 248 16.08 -1.53 26.37
C GLN A 248 15.98 -0.52 25.22
N LYS A 249 15.38 -0.94 24.09
CA LYS A 249 15.32 -0.14 22.89
C LYS A 249 14.11 0.79 22.86
N LEU A 250 13.17 0.61 23.78
CA LEU A 250 11.94 1.40 23.75
C LEU A 250 12.22 2.83 24.19
N ASN A 251 11.56 3.79 23.54
CA ASN A 251 11.68 5.20 23.92
C ASN A 251 10.52 5.58 24.83
N ASP A 252 9.61 4.64 25.08
CA ASP A 252 8.42 4.91 25.91
C ASP A 252 8.60 4.16 27.23
N LYS A 253 9.01 4.87 28.29
CA LYS A 253 9.37 4.27 29.56
C LYS A 253 8.17 3.59 30.22
N ALA A 254 6.98 4.19 30.12
CA ALA A 254 5.78 3.56 30.67
C ALA A 254 5.44 2.26 29.95
N ALA A 255 5.69 2.23 28.64
CA ALA A 255 5.44 1.00 27.89
C ALA A 255 6.44 -0.06 28.32
N LYS A 256 7.71 0.32 28.49
CA LYS A 256 8.73 -0.59 29.00
C LYS A 256 8.32 -1.18 30.33
N SER A 257 7.87 -0.32 31.24
CA SER A 257 7.45 -0.75 32.58
C SER A 257 6.29 -1.74 32.48
N TYR A 258 5.32 -1.43 31.60
CA TYR A 258 4.17 -2.29 31.41
C TYR A 258 4.62 -3.67 30.98
N ILE A 259 5.52 -3.72 30.00
CA ILE A 259 6.01 -5.00 29.49
C ILE A 259 6.75 -5.76 30.59
N GLN A 260 7.60 -5.06 31.34
CA GLN A 260 8.39 -5.71 32.39
C GLN A 260 7.51 -6.17 33.55
N SER A 261 6.28 -5.64 33.64
CA SER A 261 5.36 -5.95 34.73
C SER A 261 4.40 -7.09 34.36
N LEU A 262 4.32 -7.43 33.07
CA LEU A 262 3.46 -8.51 32.61
C LEU A 262 3.95 -9.87 33.09
N PRO A 263 3.06 -10.89 33.11
CA PRO A 263 3.51 -12.28 33.13
C PRO A 263 4.45 -12.43 31.95
N GLN A 264 5.66 -12.93 32.21
CA GLN A 264 6.71 -13.00 31.21
C GLN A 264 6.55 -14.27 30.39
N THR A 265 5.53 -14.31 29.53
CA THR A 265 5.17 -15.50 28.78
C THR A 265 6.07 -15.65 27.56
N PRO A 266 6.74 -16.80 27.43
CA PRO A 266 7.64 -17.04 26.28
C PRO A 266 6.89 -17.09 24.95
N ARG A 267 7.63 -16.79 23.88
CA ARG A 267 7.13 -16.94 22.53
C ARG A 267 6.73 -18.38 22.26
N LYS A 268 5.61 -18.55 21.55
CA LYS A 268 5.13 -19.85 21.15
C LYS A 268 5.91 -20.37 19.96
N ASP A 269 5.97 -21.68 19.85
CA ASP A 269 6.55 -22.32 18.68
C ASP A 269 5.61 -22.06 17.51
N PHE A 270 6.14 -21.48 16.43
CA PHE A 270 5.26 -21.09 15.33
C PHE A 270 4.70 -22.30 14.59
N THR A 271 5.38 -23.44 14.75
CA THR A 271 4.91 -24.66 14.11
C THR A 271 3.68 -25.18 14.82
N GLN A 272 3.49 -24.78 16.07
CA GLN A 272 2.30 -25.14 16.83
C GLN A 272 1.26 -24.03 16.67
N LEU A 273 1.70 -22.75 16.65
CA LEU A 273 0.76 -21.66 16.41
C LEU A 273 0.13 -21.80 15.02
N PHE A 274 0.93 -22.23 14.04
CA PHE A 274 0.50 -22.46 12.67
C PHE A 274 0.69 -23.93 12.36
N PRO A 275 -0.19 -24.81 12.88
CA PRO A 275 0.03 -26.25 12.86
C PRO A 275 0.02 -26.94 11.50
N ARG A 276 -0.39 -26.24 10.44
CA ARG A 276 -0.44 -26.85 9.12
C ARG A 276 0.62 -26.20 8.23
N ALA A 277 1.37 -25.22 8.77
CA ALA A 277 2.41 -24.54 8.00
C ALA A 277 3.64 -25.44 7.83
N SER A 278 4.29 -25.33 6.66
CA SER A 278 5.55 -26.01 6.42
C SER A 278 6.60 -25.40 7.35
N PRO A 279 7.72 -26.11 7.60
CA PRO A 279 8.82 -25.51 8.36
C PRO A 279 9.29 -24.18 7.80
N GLN A 280 9.43 -24.08 6.47
CA GLN A 280 9.89 -22.85 5.85
C GLN A 280 8.87 -21.70 6.07
N ALA A 281 7.59 -22.03 5.95
CA ALA A 281 6.59 -20.97 6.14
C ALA A 281 6.63 -20.48 7.58
N ALA A 282 6.68 -21.40 8.54
CA ALA A 282 6.72 -21.03 9.94
C ALA A 282 7.96 -20.21 10.26
N ASP A 283 9.10 -20.58 9.67
CA ASP A 283 10.35 -19.89 9.92
C ASP A 283 10.30 -18.46 9.39
N LEU A 284 9.77 -18.29 8.18
CA LEU A 284 9.66 -16.95 7.62
C LEU A 284 8.72 -16.08 8.48
N LEU A 285 7.61 -16.67 8.90
CA LEU A 285 6.66 -15.92 9.74
C LEU A 285 7.33 -15.51 11.04
N GLU A 286 8.13 -16.41 11.66
CA GLU A 286 8.88 -16.11 12.87
C GLU A 286 9.75 -14.86 12.69
N LYS A 287 10.34 -14.72 11.50
CA LYS A 287 11.31 -13.68 11.24
C LYS A 287 10.68 -12.36 10.78
N MET A 288 9.41 -12.42 10.33
CA MET A 288 8.68 -11.22 9.97
C MET A 288 7.88 -10.69 11.16
N LEU A 289 7.32 -11.60 11.96
CA LEU A 289 6.51 -11.16 13.11
C LEU A 289 7.42 -11.04 14.31
N GLU A 290 8.33 -10.09 14.22
CA GLU A 290 9.37 -9.84 15.20
C GLU A 290 9.22 -8.41 15.71
N LEU A 291 9.11 -8.25 17.03
CA LEU A 291 8.89 -6.93 17.62
C LEU A 291 10.10 -6.01 17.46
N ASP A 292 11.31 -6.59 17.44
CA ASP A 292 12.53 -5.81 17.36
C ASP A 292 12.70 -5.36 15.91
N VAL A 293 12.60 -4.05 15.64
CA VAL A 293 12.62 -3.49 14.30
C VAL A 293 13.98 -3.64 13.63
N ASP A 294 15.02 -3.88 14.45
CA ASP A 294 16.35 -4.10 13.92
C ASP A 294 16.61 -5.57 13.60
N LYS A 295 15.88 -6.49 14.20
CA LYS A 295 16.00 -7.91 13.86
C LYS A 295 15.03 -8.35 12.79
N ARG A 296 13.85 -7.71 12.71
CA ARG A 296 12.86 -8.04 11.70
C ARG A 296 13.50 -8.03 10.31
N LEU A 297 13.09 -9.00 9.48
CA LEU A 297 13.64 -9.04 8.14
C LEU A 297 13.32 -7.78 7.35
N THR A 298 14.24 -7.33 6.49
CA THR A 298 13.94 -6.41 5.44
C THR A 298 13.28 -7.13 4.27
N ALA A 299 12.74 -6.39 3.31
CA ALA A 299 12.18 -6.99 2.12
C ALA A 299 13.26 -7.82 1.37
N ALA A 300 14.41 -7.19 1.19
CA ALA A 300 15.50 -7.88 0.47
C ALA A 300 15.90 -9.18 1.16
N GLN A 301 15.98 -9.17 2.48
CA GLN A 301 16.32 -10.38 3.23
C GLN A 301 15.26 -11.44 3.08
N ALA A 302 13.97 -11.05 3.22
CA ALA A 302 12.89 -12.01 3.10
C ALA A 302 12.86 -12.69 1.73
N LEU A 303 13.21 -11.94 0.68
CA LEU A 303 13.19 -12.47 -0.68
C LEU A 303 14.17 -13.63 -0.82
N THR A 304 15.18 -13.70 0.05
CA THR A 304 16.17 -14.77 -0.03
C THR A 304 15.75 -16.03 0.70
N HIS A 305 14.63 -16.01 1.42
CA HIS A 305 14.20 -17.09 2.26
C HIS A 305 13.80 -18.30 1.42
N PRO A 306 14.09 -19.53 1.91
CA PRO A 306 13.67 -20.72 1.20
C PRO A 306 12.22 -20.85 0.80
N PHE A 307 11.35 -20.16 1.57
CA PHE A 307 9.94 -20.20 1.24
C PHE A 307 9.66 -19.74 -0.19
N PHE A 308 10.51 -18.87 -0.75
CA PHE A 308 10.32 -18.36 -2.11
C PHE A 308 11.11 -19.10 -3.19
N GLU A 309 11.80 -20.18 -2.81
CA GLU A 309 12.67 -20.89 -3.75
C GLU A 309 11.96 -21.21 -5.05
N PRO A 310 10.68 -21.66 -5.07
CA PRO A 310 10.04 -22.04 -6.35
C PRO A 310 9.90 -20.92 -7.35
N PHE A 311 9.83 -19.68 -6.84
CA PHE A 311 9.51 -18.54 -7.67
C PHE A 311 10.68 -17.57 -7.78
N ARG A 312 11.71 -17.72 -6.96
CA ARG A 312 12.69 -16.66 -6.85
C ARG A 312 13.40 -16.42 -8.17
N ASP A 313 13.49 -15.17 -8.57
CA ASP A 313 14.24 -14.73 -9.73
C ASP A 313 14.96 -13.46 -9.36
N PRO A 314 16.22 -13.50 -8.92
CA PRO A 314 16.92 -12.31 -8.47
C PRO A 314 16.84 -11.12 -9.45
N GLU A 315 16.78 -11.41 -10.76
CA GLU A 315 16.72 -10.40 -11.81
C GLU A 315 15.46 -9.53 -11.65
N GLU A 316 14.40 -10.13 -11.11
CA GLU A 316 13.13 -9.40 -10.93
C GLU A 316 13.13 -8.54 -9.69
N GLU A 317 14.07 -8.75 -8.79
CA GLU A 317 14.12 -8.07 -7.50
C GLU A 317 14.89 -6.78 -7.67
N THR A 318 14.35 -5.89 -8.50
CA THR A 318 15.04 -4.68 -8.85
C THR A 318 14.93 -3.62 -7.74
N GLU A 319 15.80 -2.64 -7.82
CA GLU A 319 15.79 -1.48 -6.95
C GLU A 319 15.57 -0.25 -7.79
N ALA A 320 15.08 0.81 -7.13
CA ALA A 320 14.97 2.09 -7.78
C ALA A 320 16.37 2.69 -7.94
N GLN A 321 16.68 3.17 -9.13
CA GLN A 321 17.99 3.75 -9.31
C GLN A 321 18.15 5.05 -8.52
N GLN A 322 17.03 5.81 -8.40
CA GLN A 322 17.10 7.11 -7.78
C GLN A 322 16.10 7.19 -6.64
N PRO A 323 16.44 7.92 -5.57
CA PRO A 323 15.53 8.09 -4.44
C PRO A 323 14.34 8.95 -4.87
N PHE A 324 13.20 8.70 -4.22
CA PHE A 324 12.08 9.59 -4.39
C PHE A 324 12.46 10.94 -3.80
N ASP A 325 12.30 12.00 -4.57
CA ASP A 325 12.79 13.31 -4.17
C ASP A 325 11.74 14.34 -4.47
N ASP A 326 10.94 14.65 -3.43
CA ASP A 326 9.99 15.76 -3.45
C ASP A 326 10.42 16.88 -2.51
N SER A 327 11.01 17.93 -3.10
CA SER A 327 11.51 19.08 -2.35
C SER A 327 10.38 19.78 -1.60
N LEU A 328 9.11 19.53 -1.97
CA LEU A 328 8.02 20.26 -1.35
C LEU A 328 7.31 19.44 -0.27
N GLU A 329 7.84 18.27 0.13
CA GLU A 329 7.15 17.39 1.07
C GLU A 329 6.75 18.08 2.37
N HIS A 330 7.59 19.00 2.88
CA HIS A 330 7.32 19.56 4.20
C HIS A 330 6.97 21.05 4.10
N GLU A 331 6.63 21.51 2.89
CA GLU A 331 6.25 22.89 2.70
C GLU A 331 4.78 23.04 3.07
N LYS A 332 4.44 24.15 3.75
CA LYS A 332 3.05 24.51 3.93
C LYS A 332 2.72 25.51 2.83
N LEU A 333 1.77 25.14 1.97
CA LEU A 333 1.41 26.00 0.86
C LEU A 333 -0.10 26.17 0.85
N THR A 334 -0.58 27.21 0.18
CA THR A 334 -2.01 27.40 0.01
C THR A 334 -2.53 26.32 -0.94
N VAL A 335 -3.84 26.07 -0.90
CA VAL A 335 -4.45 25.16 -1.85
C VAL A 335 -4.12 25.59 -3.28
N ASP A 336 -4.11 26.88 -3.53
CA ASP A 336 -3.92 27.37 -4.89
C ASP A 336 -2.49 27.08 -5.34
N GLU A 337 -1.53 27.16 -4.41
CA GLU A 337 -0.14 26.88 -4.71
C GLU A 337 0.00 25.39 -5.04
N TRP A 338 -0.62 24.53 -4.20
CA TRP A 338 -0.55 23.09 -4.50
C TRP A 338 -1.19 22.83 -5.85
N LYS A 339 -2.35 23.46 -6.10
CA LYS A 339 -3.06 23.29 -7.36
C LYS A 339 -2.15 23.63 -8.56
N GLN A 340 -1.41 24.72 -8.45
CA GLN A 340 -0.53 25.13 -9.54
C GLN A 340 0.61 24.14 -9.76
N HIS A 341 1.17 23.60 -8.68
CA HIS A 341 2.20 22.57 -8.80
C HIS A 341 1.66 21.33 -9.54
N ILE A 342 0.46 20.89 -9.16
CA ILE A 342 -0.15 19.73 -9.78
C ILE A 342 -0.37 20.00 -11.27
N TYR A 343 -0.92 21.20 -11.57
CA TYR A 343 -1.21 21.54 -12.95
C TYR A 343 0.05 21.39 -13.79
N LYS A 344 1.16 21.90 -13.27
CA LYS A 344 2.43 21.87 -14.00
C LYS A 344 2.92 20.43 -14.16
N GLU A 345 2.77 19.63 -13.10
CA GLU A 345 3.22 18.24 -13.14
C GLU A 345 2.46 17.45 -14.21
N ILE A 346 1.16 17.74 -14.41
CA ILE A 346 0.38 17.08 -15.45
C ILE A 346 0.86 17.51 -16.82
N VAL A 347 1.04 18.82 -17.01
CA VAL A 347 1.55 19.36 -18.27
C VAL A 347 2.87 18.68 -18.61
N ASN A 348 3.74 18.48 -17.61
CA ASN A 348 5.08 17.95 -17.84
C ASN A 348 5.08 16.45 -18.06
N PHE A 349 3.95 15.76 -17.92
CA PHE A 349 3.96 14.29 -17.97
C PHE A 349 4.24 13.78 -19.38
N SER A 350 4.92 12.62 -19.44
CA SER A 350 5.19 11.90 -20.67
C SER A 350 5.22 10.42 -20.31
N PRO A 351 4.55 9.52 -21.07
CA PRO A 351 4.39 8.11 -20.68
C PRO A 351 5.56 7.55 -19.85
#